data_9L4G
#
_entry.id   9L4G
#
_cell.length_a   63.210
_cell.length_b   78.510
_cell.length_c   83.805
_cell.angle_alpha   90.000
_cell.angle_beta   100.890
_cell.angle_gamma   90.000
#
_symmetry.space_group_name_H-M   'I 1 2 1'
#
loop_
_entity.id
_entity.type
_entity.pdbx_description
1 polymer 'MHC class I antigen'
2 polymer Beta-2-microglobulin
3 polymer LL8
4 water water
#
loop_
_entity_poly.entity_id
_entity_poly.type
_entity_poly.pdbx_seq_one_letter_code
_entity_poly.pdbx_strand_id
1 'polypeptide(L)'
;SHSMRYFSTSVSRPGRGEPHFIAVGYVDDTQFVRFDSDAASPRGEPRAPWVEQEGPEYWDRETQKYKRQAQTDRVSLRNL
RGYYNQSEAGSHTLQWMFGCDLGPDGRLLRGYDQSAYDGKDYIALNEDLRSWTAADTAAQITQRKWEAAREAEQRRAYLE
GTCVEWLRRYLENGKETLQRAEHPKTHVTHHPVSDHEATLRCWALGFYPAEITLTWQWDGEDQTQDTELVETRPAGDGTF
QKWAAVVVPSGEEQRYTCHVQHEGLPEPLTLRW
;
A
2 'polypeptide(L)'
;AIQRTPKIQVYSRHPAENGKSNFLNCYVSGFHPSDIEVDLLKNGERIEKVEHSDLSFSKDWSFYLLYYTEFTPTEKDEYA
CRVNHVTLSQPKIVKWDRDM
;
B
3 'polypeptide(L)' LYNTVATL C
#
# COMPACT_ATOMS: atom_id res chain seq x y z
N SER A 1 7.52 -1.82 18.39
CA SER A 1 7.11 -0.50 17.91
C SER A 1 5.86 -0.61 17.05
N HIS A 2 4.88 0.25 17.30
CA HIS A 2 3.60 0.23 16.61
C HIS A 2 3.25 1.63 16.13
N SER A 3 2.27 1.70 15.23
CA SER A 3 1.94 2.97 14.60
C SER A 3 0.50 2.97 14.13
N MET A 4 -0.06 4.17 14.02
CA MET A 4 -1.37 4.39 13.41
C MET A 4 -1.21 5.42 12.29
N ARG A 5 -1.69 5.08 11.10
CA ARG A 5 -1.50 5.91 9.92
C ARG A 5 -2.82 6.06 9.16
N TYR A 6 -2.93 7.18 8.44
CA TYR A 6 -4.07 7.46 7.59
C TYR A 6 -3.59 8.00 6.25
N PHE A 7 -4.28 7.64 5.17
CA PHE A 7 -3.94 8.07 3.82
C PHE A 7 -5.20 8.58 3.14
N SER A 8 -5.16 9.82 2.65
CA SER A 8 -6.31 10.45 2.02
C SER A 8 -5.94 10.96 0.63
N THR A 9 -6.82 10.72 -0.32
CA THR A 9 -6.60 11.10 -1.72
C THR A 9 -7.87 11.75 -2.27
N SER A 10 -7.68 12.78 -3.10
CA SER A 10 -8.79 13.49 -3.72
C SER A 10 -8.44 13.80 -5.17
N VAL A 11 -9.29 13.36 -6.10
CA VAL A 11 -9.04 13.51 -7.53
C VAL A 11 -10.17 14.35 -8.13
N SER A 12 -9.80 15.51 -8.67
CA SER A 12 -10.77 16.38 -9.32
C SER A 12 -11.03 15.91 -10.75
N ARG A 13 -12.24 16.20 -11.24
CA ARG A 13 -12.65 15.81 -12.59
C ARG A 13 -13.49 16.92 -13.20
N PRO A 14 -12.86 17.91 -13.83
CA PRO A 14 -13.61 19.02 -14.43
C PRO A 14 -14.54 18.53 -15.53
N GLY A 15 -15.78 19.02 -15.50
CA GLY A 15 -16.79 18.59 -16.44
C GLY A 15 -17.52 17.32 -16.08
N ARG A 16 -17.11 16.62 -15.03
CA ARG A 16 -17.74 15.39 -14.61
C ARG A 16 -18.31 15.47 -13.21
N GLY A 17 -18.42 16.67 -12.64
CA GLY A 17 -18.96 16.86 -11.30
C GLY A 17 -17.91 17.44 -10.35
N GLU A 18 -17.97 16.97 -9.10
CA GLU A 18 -17.09 17.39 -8.01
C GLU A 18 -16.18 16.24 -7.60
N PRO A 19 -14.99 16.52 -7.06
CA PRO A 19 -13.94 15.50 -6.95
C PRO A 19 -14.32 14.29 -6.11
N HIS A 20 -13.43 13.30 -6.17
CA HIS A 20 -13.62 11.96 -5.59
C HIS A 20 -12.67 11.81 -4.41
N PHE A 21 -13.23 11.47 -3.25
CA PHE A 21 -12.48 11.43 -1.99
C PHE A 21 -12.45 10.00 -1.45
N ILE A 22 -11.26 9.53 -1.10
CA ILE A 22 -11.07 8.21 -0.50
C ILE A 22 -10.07 8.35 0.65
N ALA A 23 -10.29 7.58 1.71
CA ALA A 23 -9.41 7.60 2.88
C ALA A 23 -9.35 6.23 3.51
N VAL A 24 -8.16 5.84 3.96
CA VAL A 24 -7.94 4.54 4.61
C VAL A 24 -7.15 4.75 5.89
N GLY A 25 -7.35 3.84 6.85
CA GLY A 25 -6.63 3.89 8.11
C GLY A 25 -5.94 2.57 8.38
N TYR A 26 -4.84 2.66 9.14
CA TYR A 26 -3.99 1.51 9.39
C TYR A 26 -3.48 1.53 10.83
N VAL A 27 -3.34 0.35 11.41
CA VAL A 27 -2.57 0.14 12.63
C VAL A 27 -1.42 -0.75 12.24
N ASP A 28 -0.20 -0.20 12.25
CA ASP A 28 0.98 -0.88 11.70
C ASP A 28 0.72 -1.30 10.26
N ASP A 29 0.55 -2.61 10.04
CA ASP A 29 0.33 -3.14 8.70
C ASP A 29 -1.07 -3.72 8.53
N THR A 30 -2.02 -3.32 9.37
CA THR A 30 -3.38 -3.86 9.34
C THR A 30 -4.38 -2.74 9.16
N GLN A 31 -5.08 -2.73 8.02
CA GLN A 31 -6.10 -1.73 7.77
C GLN A 31 -7.36 -2.01 8.59
N PHE A 32 -8.12 -0.96 8.87
CA PHE A 32 -9.28 -1.13 9.74
C PHE A 32 -10.45 -0.20 9.43
N VAL A 33 -10.26 0.78 8.53
CA VAL A 33 -11.31 1.75 8.24
C VAL A 33 -11.15 2.25 6.81
N ARG A 34 -12.25 2.72 6.23
CA ARG A 34 -12.28 3.20 4.86
C ARG A 34 -13.46 4.14 4.69
N PHE A 35 -13.39 4.98 3.66
CA PHE A 35 -14.48 5.87 3.28
C PHE A 35 -14.34 6.22 1.81
N ASP A 36 -15.42 5.99 1.05
CA ASP A 36 -15.46 6.29 -0.37
C ASP A 36 -16.57 7.28 -0.64
N SER A 37 -16.22 8.39 -1.31
CA SER A 37 -17.24 9.37 -1.68
C SER A 37 -18.10 8.88 -2.84
N ASP A 38 -17.53 8.07 -3.73
CA ASP A 38 -18.27 7.51 -4.85
C ASP A 38 -19.03 6.24 -4.46
N ALA A 39 -19.07 5.88 -3.18
CA ALA A 39 -19.83 4.71 -2.75
C ALA A 39 -21.33 4.98 -2.85
N ALA A 40 -22.10 3.89 -2.83
CA ALA A 40 -23.55 4.02 -2.89
C ALA A 40 -24.09 4.76 -1.66
N SER A 41 -23.55 4.45 -0.49
CA SER A 41 -23.89 5.16 0.75
C SER A 41 -22.58 5.49 1.45
N PRO A 42 -22.04 6.69 1.21
CA PRO A 42 -20.71 7.01 1.76
C PRO A 42 -20.69 7.11 3.28
N ARG A 43 -20.02 6.14 3.92
CA ARG A 43 -19.88 6.15 5.37
C ARG A 43 -18.69 5.27 5.75
N GLY A 44 -18.11 5.56 6.91
CA GLY A 44 -16.94 4.82 7.37
C GLY A 44 -17.33 3.45 7.89
N GLU A 45 -16.68 2.42 7.34
CA GLU A 45 -16.99 1.03 7.67
C GLU A 45 -15.76 0.36 8.26
N PRO A 46 -15.96 -0.67 9.08
CA PRO A 46 -14.81 -1.38 9.67
C PRO A 46 -14.24 -2.41 8.70
N ARG A 47 -12.91 -2.52 8.72
CA ARG A 47 -12.20 -3.52 7.94
C ARG A 47 -11.51 -4.57 8.80
N ALA A 48 -11.40 -4.35 10.11
CA ALA A 48 -10.76 -5.26 11.05
C ALA A 48 -11.73 -5.66 12.14
N PRO A 49 -11.56 -6.85 12.73
CA PRO A 49 -12.52 -7.32 13.74
C PRO A 49 -12.48 -6.55 15.06
N TRP A 50 -11.44 -5.76 15.34
CA TRP A 50 -11.31 -5.09 16.62
C TRP A 50 -11.89 -3.68 16.63
N VAL A 51 -12.66 -3.30 15.60
CA VAL A 51 -13.31 -1.99 15.59
C VAL A 51 -14.79 -2.16 15.25
N GLU A 52 -15.28 -3.40 15.29
CA GLU A 52 -16.68 -3.68 15.01
C GLU A 52 -17.58 -3.50 16.22
N GLN A 53 -17.01 -3.42 17.42
CA GLN A 53 -17.78 -3.29 18.66
C GLN A 53 -17.57 -1.92 19.30
N GLU A 54 -17.48 -0.87 18.47
CA GLU A 54 -17.10 0.45 18.96
C GLU A 54 -18.26 1.39 19.21
N GLY A 55 -19.45 1.08 18.68
CA GLY A 55 -20.61 1.92 18.93
C GLY A 55 -21.03 2.72 17.72
N PRO A 56 -22.34 2.75 17.45
CA PRO A 56 -22.83 3.38 16.23
C PRO A 56 -22.64 4.89 16.17
N GLU A 57 -22.33 5.54 17.28
CA GLU A 57 -22.15 6.99 17.25
C GLU A 57 -20.70 7.41 17.20
N TYR A 58 -19.78 6.60 17.72
CA TYR A 58 -18.39 6.75 17.31
C TYR A 58 -18.28 6.55 15.80
N TRP A 59 -19.16 5.74 15.24
CA TRP A 59 -19.16 5.52 13.80
C TRP A 59 -19.80 6.67 13.05
N ASP A 60 -20.54 7.52 13.74
CA ASP A 60 -21.08 8.74 13.14
C ASP A 60 -20.14 9.92 13.30
N ARG A 61 -19.40 9.96 14.41
CA ARG A 61 -18.35 10.95 14.56
C ARG A 61 -17.30 10.76 13.47
N GLU A 62 -16.83 9.51 13.32
CA GLU A 62 -15.83 9.21 12.30
C GLU A 62 -16.34 9.56 10.90
N THR A 63 -17.58 9.17 10.58
CA THR A 63 -18.15 9.43 9.27
C THR A 63 -18.28 10.93 9.01
N GLN A 64 -18.73 11.68 10.01
CA GLN A 64 -18.91 13.12 9.86
C GLN A 64 -17.58 13.83 9.66
N LYS A 65 -16.47 13.27 10.15
CA LYS A 65 -15.16 13.85 9.87
C LYS A 65 -14.71 13.55 8.45
N TYR A 66 -14.94 12.32 7.97
CA TYR A 66 -14.60 11.97 6.60
C TYR A 66 -15.32 12.89 5.61
N LYS A 67 -16.60 13.16 5.84
CA LYS A 67 -17.34 14.07 4.97
C LYS A 67 -16.86 15.51 5.11
N ARG A 68 -16.21 15.84 6.22
CA ARG A 68 -15.69 17.20 6.40
C ARG A 68 -14.39 17.39 5.62
N GLN A 69 -13.44 16.47 5.80
CA GLN A 69 -12.17 16.55 5.07
C GLN A 69 -12.39 16.47 3.57
N ALA A 70 -13.49 15.85 3.12
CA ALA A 70 -13.79 15.82 1.70
C ALA A 70 -14.19 17.21 1.19
N GLN A 71 -14.98 17.94 1.97
CA GLN A 71 -15.34 19.30 1.58
C GLN A 71 -14.13 20.23 1.65
N THR A 72 -13.27 20.04 2.67
CA THR A 72 -12.05 20.83 2.77
C THR A 72 -11.14 20.57 1.57
N ASP A 73 -11.08 19.32 1.11
CA ASP A 73 -10.24 18.99 -0.04
C ASP A 73 -10.72 19.69 -1.31
N ARG A 74 -12.03 19.86 -1.45
CA ARG A 74 -12.57 20.49 -2.65
C ARG A 74 -12.10 21.93 -2.76
N VAL A 75 -11.97 22.64 -1.63
CA VAL A 75 -11.51 24.02 -1.65
C VAL A 75 -10.02 24.10 -1.96
N SER A 76 -9.24 23.17 -1.41
CA SER A 76 -7.79 23.20 -1.62
C SER A 76 -7.44 23.05 -3.09
N LEU A 77 -8.12 22.13 -3.78
CA LEU A 77 -7.87 21.96 -5.21
C LEU A 77 -8.17 23.21 -6.00
N ARG A 78 -9.15 24.00 -5.55
CA ARG A 78 -9.45 25.28 -6.20
C ARG A 78 -8.35 26.29 -5.93
N ASN A 79 -7.90 26.39 -4.68
CA ASN A 79 -6.80 27.29 -4.34
C ASN A 79 -5.53 26.87 -5.06
N LEU A 80 -5.23 25.57 -5.05
CA LEU A 80 -4.02 25.09 -5.71
C LEU A 80 -4.07 25.33 -7.21
N ARG A 81 -5.26 25.24 -7.81
CA ARG A 81 -5.40 25.57 -9.22
C ARG A 81 -5.11 27.04 -9.48
N GLY A 82 -5.43 27.90 -8.52
CA GLY A 82 -5.15 29.32 -8.64
C GLY A 82 -3.72 29.67 -8.28
N TYR A 83 -3.15 28.94 -7.31
CA TYR A 83 -1.76 29.17 -6.93
C TYR A 83 -0.84 29.00 -8.13
N TYR A 84 -1.02 27.91 -8.89
CA TYR A 84 -0.18 27.59 -10.03
C TYR A 84 -0.68 28.21 -11.34
N ASN A 85 -1.78 28.97 -11.30
CA ASN A 85 -2.37 29.57 -12.49
C ASN A 85 -2.68 28.50 -13.54
N GLN A 86 -3.35 27.44 -13.10
CA GLN A 86 -3.65 26.31 -13.96
C GLN A 86 -5.03 26.46 -14.59
N SER A 87 -5.18 25.86 -15.78
CA SER A 87 -6.43 25.93 -16.51
C SER A 87 -7.52 25.16 -15.77
N GLU A 88 -8.75 25.30 -16.28
CA GLU A 88 -9.92 24.73 -15.63
C GLU A 88 -10.27 23.32 -16.10
N ALA A 89 -9.64 22.84 -17.18
CA ALA A 89 -10.08 21.63 -17.85
C ALA A 89 -9.32 20.38 -17.44
N GLY A 90 -8.37 20.47 -16.51
CA GLY A 90 -7.48 19.37 -16.18
C GLY A 90 -7.76 18.77 -14.82
N SER A 91 -7.54 17.46 -14.71
CA SER A 91 -7.67 16.76 -13.44
C SER A 91 -6.39 16.87 -12.64
N HIS A 92 -6.55 16.92 -11.31
CA HIS A 92 -5.41 17.02 -10.40
C HIS A 92 -5.66 16.15 -9.18
N THR A 93 -4.57 15.85 -8.48
CA THR A 93 -4.61 14.97 -7.31
C THR A 93 -4.04 15.70 -6.09
N LEU A 94 -4.62 15.42 -4.93
CA LEU A 94 -4.16 15.97 -3.66
C LEU A 94 -4.07 14.84 -2.65
N GLN A 95 -2.86 14.50 -2.23
CA GLN A 95 -2.63 13.41 -1.29
C GLN A 95 -2.22 13.97 0.07
N TRP A 96 -2.56 13.22 1.12
CA TRP A 96 -2.28 13.65 2.49
C TRP A 96 -2.13 12.42 3.37
N MET A 97 -1.00 12.30 4.05
CA MET A 97 -0.77 11.22 4.99
C MET A 97 -0.23 11.78 6.30
N PHE A 98 -0.58 11.10 7.39
CA PHE A 98 -0.16 11.50 8.72
C PHE A 98 -0.28 10.29 9.64
N GLY A 99 0.34 10.40 10.81
CA GLY A 99 0.26 9.30 11.76
C GLY A 99 1.04 9.59 13.01
N CYS A 100 1.00 8.62 13.91
CA CYS A 100 1.67 8.69 15.22
C CYS A 100 2.46 7.41 15.41
N ASP A 101 3.72 7.55 15.79
CA ASP A 101 4.68 6.46 15.82
C ASP A 101 5.26 6.36 17.22
N LEU A 102 4.50 5.77 18.15
CA LEU A 102 5.01 5.59 19.51
C LEU A 102 6.13 4.55 19.52
N ASP A 105 9.07 0.55 23.77
CA ASP A 105 8.81 0.84 25.18
C ASP A 105 7.36 1.27 25.39
N GLY A 106 6.69 1.64 24.31
CA GLY A 106 5.32 2.11 24.37
C GLY A 106 5.16 3.61 24.46
N ARG A 107 6.26 4.36 24.59
CA ARG A 107 6.17 5.81 24.71
C ARG A 107 6.05 6.46 23.33
N LEU A 108 5.39 7.61 23.30
CA LEU A 108 5.28 8.37 22.06
C LEU A 108 6.66 8.74 21.55
N LEU A 109 6.89 8.50 20.26
CA LEU A 109 8.17 8.87 19.65
C LEU A 109 7.98 10.05 18.71
N ARG A 110 7.49 9.80 17.50
CA ARG A 110 7.40 10.83 16.48
C ARG A 110 6.03 10.84 15.83
N GLY A 111 5.71 11.99 15.22
CA GLY A 111 4.56 12.11 14.36
C GLY A 111 4.98 12.73 13.03
N TYR A 112 4.07 12.64 12.06
CA TYR A 112 4.37 13.11 10.72
C TYR A 112 3.09 13.61 10.06
N ASP A 113 3.25 14.54 9.13
CA ASP A 113 2.12 15.09 8.38
C ASP A 113 2.66 15.66 7.09
N GLN A 114 2.35 15.01 5.98
CA GLN A 114 2.88 15.39 4.67
C GLN A 114 1.76 15.38 3.64
N SER A 115 1.90 16.24 2.63
CA SER A 115 0.90 16.36 1.58
C SER A 115 1.60 16.55 0.24
N ALA A 116 0.93 16.14 -0.83
CA ALA A 116 1.49 16.18 -2.17
C ALA A 116 0.44 16.66 -3.16
N TYR A 117 0.90 17.32 -4.21
CA TYR A 117 0.03 17.85 -5.27
C TYR A 117 0.51 17.28 -6.61
N ASP A 118 -0.35 16.47 -7.23
CA ASP A 118 -0.07 15.88 -8.54
C ASP A 118 1.17 14.99 -8.52
N GLY A 119 1.43 14.32 -7.41
CA GLY A 119 2.50 13.35 -7.30
C GLY A 119 3.79 13.88 -6.71
N LYS A 120 3.99 15.19 -6.70
CA LYS A 120 5.21 15.80 -6.18
C LYS A 120 4.98 16.34 -4.77
N ASP A 121 6.06 16.43 -4.01
CA ASP A 121 5.99 16.97 -2.66
C ASP A 121 5.49 18.41 -2.68
N TYR A 122 4.68 18.76 -1.68
CA TYR A 122 4.15 20.11 -1.60
C TYR A 122 4.52 20.77 -0.28
N ILE A 123 3.85 20.36 0.80
CA ILE A 123 4.12 20.91 2.13
C ILE A 123 4.11 19.77 3.13
N ALA A 124 4.90 19.91 4.19
CA ALA A 124 5.08 18.85 5.15
C ALA A 124 5.36 19.43 6.53
N LEU A 125 4.79 18.81 7.55
CA LEU A 125 5.09 19.17 8.93
C LEU A 125 6.48 18.67 9.29
N ASN A 126 7.31 19.56 9.85
CA ASN A 126 8.67 19.19 10.18
C ASN A 126 8.69 18.27 11.41
N GLU A 127 9.87 17.69 11.66
CA GLU A 127 10.00 16.67 12.70
C GLU A 127 9.71 17.20 14.10
N ASP A 128 9.87 18.51 14.33
CA ASP A 128 9.54 19.08 15.62
C ASP A 128 8.05 19.35 15.79
N LEU A 129 7.26 19.18 14.71
CA LEU A 129 5.82 19.45 14.73
C LEU A 129 5.53 20.91 15.08
N ARG A 130 6.44 21.81 14.71
CA ARG A 130 6.25 23.24 14.91
C ARG A 130 6.50 24.07 13.66
N SER A 131 7.29 23.58 12.71
CA SER A 131 7.62 24.33 11.50
C SER A 131 7.20 23.52 10.27
N TRP A 132 7.16 24.21 9.13
CA TRP A 132 6.80 23.61 7.86
C TRP A 132 7.98 23.64 6.91
N THR A 133 7.85 22.88 5.81
CA THR A 133 8.81 22.91 4.71
C THR A 133 8.01 22.97 3.41
N ALA A 134 8.09 24.11 2.73
CA ALA A 134 7.37 24.32 1.49
C ALA A 134 8.24 23.95 0.30
N ALA A 135 7.64 23.27 -0.68
CA ALA A 135 8.41 22.79 -1.83
C ALA A 135 8.67 23.87 -2.87
N ASP A 136 7.78 24.84 -2.99
CA ASP A 136 7.97 25.91 -3.97
C ASP A 136 7.34 27.19 -3.40
N THR A 137 7.10 28.16 -4.28
CA THR A 137 6.50 29.42 -3.86
C THR A 137 5.02 29.25 -3.55
N ALA A 138 4.31 28.43 -4.33
CA ALA A 138 2.90 28.19 -4.07
C ALA A 138 2.66 27.62 -2.68
N ALA A 139 3.52 26.69 -2.26
CA ALA A 139 3.41 26.14 -0.91
C ALA A 139 3.82 27.13 0.16
N GLN A 140 4.46 28.25 -0.19
CA GLN A 140 4.72 29.29 0.78
C GLN A 140 3.45 30.07 1.12
N ILE A 141 2.50 30.15 0.18
CA ILE A 141 1.20 30.74 0.48
C ILE A 141 0.50 29.94 1.58
N THR A 142 0.55 28.61 1.48
CA THR A 142 -0.03 27.78 2.53
C THR A 142 0.73 27.93 3.84
N GLN A 143 2.07 27.98 3.76
CA GLN A 143 2.86 28.14 4.98
C GLN A 143 2.56 29.46 5.67
N ARG A 144 2.37 30.53 4.90
CA ARG A 144 2.02 31.82 5.48
C ARG A 144 0.65 31.77 6.15
N LYS A 145 -0.28 31.00 5.58
CA LYS A 145 -1.60 30.87 6.17
C LYS A 145 -1.55 30.05 7.46
N TRP A 146 -0.95 28.86 7.40
CA TRP A 146 -0.92 27.98 8.56
C TRP A 146 -0.02 28.50 9.66
N GLU A 147 0.89 29.44 9.36
CA GLU A 147 1.70 30.05 10.39
C GLU A 147 0.90 31.10 11.17
N ALA A 148 0.12 31.92 10.46
CA ALA A 148 -0.67 32.94 11.13
C ALA A 148 -1.87 32.33 11.86
N ALA A 149 -2.36 31.18 11.39
CA ALA A 149 -3.47 30.50 12.03
C ALA A 149 -3.03 29.61 13.19
N ARG A 150 -1.72 29.48 13.43
CA ARG A 150 -1.19 28.55 14.42
C ARG A 150 -1.70 27.14 14.17
N GLU A 151 -1.70 26.74 12.89
CA GLU A 151 -2.23 25.43 12.52
C GLU A 151 -1.37 24.31 13.09
N ALA A 152 -0.05 24.52 13.18
CA ALA A 152 0.84 23.47 13.63
C ALA A 152 0.52 23.03 15.06
N GLU A 153 0.10 23.97 15.91
CA GLU A 153 -0.20 23.63 17.29
C GLU A 153 -1.44 22.73 17.38
N GLN A 154 -2.39 22.90 16.47
CA GLN A 154 -3.57 22.03 16.48
C GLN A 154 -3.21 20.61 16.05
N ARG A 155 -2.34 20.48 15.05
CA ARG A 155 -1.92 19.16 14.60
C ARG A 155 -1.13 18.44 15.68
N ARG A 156 -0.21 19.15 16.36
CA ARG A 156 0.58 18.53 17.41
C ARG A 156 -0.31 18.04 18.56
N ALA A 157 -1.39 18.76 18.84
CA ALA A 157 -2.33 18.33 19.87
C ALA A 157 -2.93 16.97 19.53
N TYR A 158 -3.27 16.75 18.25
CA TYR A 158 -3.83 15.47 17.86
C TYR A 158 -2.76 14.38 17.80
N LEU A 159 -1.60 14.70 17.24
CA LEU A 159 -0.56 13.69 17.02
C LEU A 159 -0.05 13.13 18.35
N GLU A 160 0.28 14.01 19.29
CA GLU A 160 0.83 13.59 20.57
C GLU A 160 -0.23 13.41 21.65
N GLY A 161 -1.50 13.66 21.33
CA GLY A 161 -2.55 13.55 22.32
C GLY A 161 -3.59 12.50 22.00
N THR A 162 -4.57 12.87 21.17
CA THR A 162 -5.72 11.99 20.91
C THR A 162 -5.30 10.72 20.18
N CYS A 163 -4.32 10.82 19.29
CA CYS A 163 -4.00 9.71 18.41
C CYS A 163 -3.16 8.64 19.09
N VAL A 164 -2.26 9.02 20.00
CA VAL A 164 -1.57 8.01 20.79
C VAL A 164 -2.51 7.35 21.79
N GLU A 165 -3.62 8.01 22.13
CA GLU A 165 -4.59 7.42 23.04
C GLU A 165 -5.35 6.29 22.35
N TRP A 166 -5.84 6.52 21.13
CA TRP A 166 -6.64 5.50 20.45
C TRP A 166 -5.77 4.41 19.83
N LEU A 167 -4.55 4.74 19.41
CA LEU A 167 -3.63 3.71 18.96
C LEU A 167 -3.29 2.75 20.10
N ARG A 168 -3.11 3.29 21.30
CA ARG A 168 -2.90 2.43 22.47
C ARG A 168 -4.13 1.57 22.75
N ARG A 169 -5.32 2.08 22.45
CA ARG A 169 -6.54 1.34 22.73
C ARG A 169 -6.72 0.20 21.73
N TYR A 170 -6.38 0.44 20.45
CA TYR A 170 -6.54 -0.59 19.43
C TYR A 170 -5.64 -1.79 19.69
N LEU A 171 -4.45 -1.57 20.28
CA LEU A 171 -3.56 -2.69 20.55
C LEU A 171 -4.12 -3.62 21.61
N GLU A 172 -4.99 -3.11 22.50
CA GLU A 172 -5.57 -3.95 23.54
C GLU A 172 -6.74 -4.77 23.02
N ASN A 173 -7.58 -4.18 22.15
CA ASN A 173 -8.74 -4.88 21.64
C ASN A 173 -8.40 -5.91 20.57
N GLY A 174 -7.28 -5.75 19.87
CA GLY A 174 -6.87 -6.72 18.88
C GLY A 174 -5.49 -7.28 19.17
N LYS A 175 -5.21 -7.52 20.45
CA LYS A 175 -3.87 -7.95 20.85
C LYS A 175 -3.52 -9.34 20.35
N GLU A 176 -4.53 -10.16 20.04
CA GLU A 176 -4.26 -11.52 19.57
C GLU A 176 -3.74 -11.54 18.13
N THR A 177 -4.05 -10.52 17.34
CA THR A 177 -3.55 -10.40 15.97
C THR A 177 -2.54 -9.29 15.80
N LEU A 178 -2.70 -8.16 16.49
CA LEU A 178 -1.83 -7.01 16.29
C LEU A 178 -0.46 -7.20 16.94
N GLN A 179 -0.42 -7.86 18.09
CA GLN A 179 0.85 -8.06 18.80
C GLN A 179 1.32 -9.50 18.71
N ARG A 180 1.41 -10.02 17.48
CA ARG A 180 1.84 -11.41 17.26
C ARG A 180 2.45 -11.48 15.87
N ALA A 181 3.78 -11.54 15.82
CA ALA A 181 4.47 -11.68 14.54
C ALA A 181 4.35 -13.10 14.02
N GLU A 182 4.27 -13.23 12.70
CA GLU A 182 4.19 -14.53 12.03
C GLU A 182 5.47 -14.71 11.22
N HIS A 183 6.24 -15.74 11.56
CA HIS A 183 7.52 -15.95 10.90
C HIS A 183 7.31 -16.49 9.49
N PRO A 184 8.21 -16.17 8.56
CA PRO A 184 8.03 -16.59 7.17
C PRO A 184 8.24 -18.09 6.99
N LYS A 185 7.52 -18.64 6.02
CA LYS A 185 7.66 -20.03 5.62
C LYS A 185 8.37 -20.07 4.26
N THR A 186 9.51 -20.76 4.20
CA THR A 186 10.42 -20.65 3.08
C THR A 186 10.59 -21.99 2.36
N HIS A 187 10.95 -21.90 1.09
CA HIS A 187 11.33 -23.05 0.26
C HIS A 187 12.01 -22.52 -0.98
N VAL A 188 12.84 -23.36 -1.60
CA VAL A 188 13.69 -22.95 -2.71
C VAL A 188 13.36 -23.80 -3.94
N THR A 189 13.26 -23.14 -5.10
CA THR A 189 13.02 -23.79 -6.37
C THR A 189 14.27 -23.72 -7.24
N HIS A 190 14.16 -24.25 -8.46
CA HIS A 190 15.30 -24.34 -9.36
C HIS A 190 14.79 -24.47 -10.78
N HIS A 191 15.31 -23.64 -11.70
CA HIS A 191 14.86 -23.64 -13.09
C HIS A 191 16.03 -23.57 -14.05
N PRO A 192 16.29 -24.62 -14.81
CA PRO A 192 17.37 -24.56 -15.82
C PRO A 192 16.98 -23.65 -16.98
N VAL A 193 17.88 -22.74 -17.33
CA VAL A 193 17.64 -21.80 -18.42
C VAL A 193 18.19 -22.33 -19.74
N SER A 194 19.47 -22.71 -19.76
CA SER A 194 20.10 -23.21 -20.97
C SER A 194 20.87 -24.49 -20.68
N ASP A 195 22.01 -24.67 -21.35
CA ASP A 195 22.86 -25.82 -21.11
C ASP A 195 23.96 -25.54 -20.09
N HIS A 196 23.99 -24.32 -19.53
CA HIS A 196 24.99 -23.95 -18.53
C HIS A 196 24.50 -22.83 -17.64
N GLU A 197 23.18 -22.68 -17.51
CA GLU A 197 22.59 -21.61 -16.71
C GLU A 197 21.34 -22.12 -16.01
N ALA A 198 21.13 -21.67 -14.78
CA ALA A 198 19.96 -22.06 -14.02
C ALA A 198 19.58 -20.92 -13.08
N THR A 199 18.37 -21.01 -12.54
CA THR A 199 17.80 -20.00 -11.66
C THR A 199 17.48 -20.61 -10.30
N LEU A 200 17.85 -19.91 -9.24
CA LEU A 200 17.50 -20.29 -7.87
C LEU A 200 16.59 -19.22 -7.30
N ARG A 201 15.43 -19.62 -6.78
CA ARG A 201 14.45 -18.69 -6.25
C ARG A 201 14.20 -19.02 -4.78
N CYS A 202 14.47 -18.04 -3.91
CA CYS A 202 14.22 -18.15 -2.48
C CYS A 202 12.87 -17.53 -2.17
N TRP A 203 11.96 -18.32 -1.59
CA TRP A 203 10.58 -17.90 -1.35
C TRP A 203 10.38 -17.58 0.12
N ALA A 204 9.52 -16.58 0.38
CA ALA A 204 9.12 -16.22 1.74
C ALA A 204 7.62 -15.96 1.74
N LEU A 205 6.88 -16.80 2.47
CA LEU A 205 5.43 -16.77 2.42
C LEU A 205 4.83 -16.69 3.83
N GLY A 206 3.69 -16.02 3.93
CA GLY A 206 2.89 -16.01 5.15
C GLY A 206 3.53 -15.37 6.36
N PHE A 207 4.22 -14.24 6.19
CA PHE A 207 4.87 -13.55 7.28
C PHE A 207 4.16 -12.24 7.58
N TYR A 208 4.36 -11.76 8.81
CA TYR A 208 3.75 -10.54 9.30
C TYR A 208 4.64 -10.10 10.46
N PRO A 209 5.06 -8.83 10.52
CA PRO A 209 4.74 -7.73 9.59
C PRO A 209 5.41 -7.86 8.21
N ALA A 210 5.25 -6.85 7.35
CA ALA A 210 5.71 -6.95 5.97
C ALA A 210 7.21 -6.75 5.81
N GLU A 211 7.89 -6.20 6.81
CA GLU A 211 9.32 -5.95 6.70
C GLU A 211 10.10 -7.25 6.69
N ILE A 212 10.93 -7.44 5.67
CA ILE A 212 11.70 -8.66 5.51
C ILE A 212 12.89 -8.37 4.62
N THR A 213 13.98 -9.11 4.83
CA THR A 213 15.18 -8.99 4.03
C THR A 213 15.56 -10.35 3.45
N LEU A 214 15.92 -10.36 2.16
CA LEU A 214 16.35 -11.58 1.47
C LEU A 214 17.65 -11.30 0.74
N THR A 215 18.61 -12.21 0.88
CA THR A 215 19.91 -12.07 0.24
C THR A 215 20.43 -13.42 -0.21
N TRP A 216 21.03 -13.45 -1.38
CA TRP A 216 21.73 -14.64 -1.88
C TRP A 216 23.22 -14.47 -1.66
N GLN A 217 23.91 -15.59 -1.45
CA GLN A 217 25.33 -15.57 -1.16
C GLN A 217 26.02 -16.77 -1.79
N TRP A 218 27.19 -16.53 -2.37
CA TRP A 218 28.00 -17.57 -2.99
C TRP A 218 29.23 -17.80 -2.12
N ASP A 219 29.25 -18.95 -1.44
CA ASP A 219 30.35 -19.34 -0.55
C ASP A 219 30.55 -18.35 0.60
N GLY A 220 29.47 -17.74 1.07
CA GLY A 220 29.52 -16.86 2.20
C GLY A 220 29.74 -15.40 1.89
N GLU A 221 29.76 -15.01 0.61
CA GLU A 221 29.95 -13.62 0.21
C GLU A 221 28.64 -13.09 -0.37
N ASP A 222 28.28 -11.87 0.05
CA ASP A 222 27.04 -11.26 -0.41
C ASP A 222 27.03 -11.12 -1.94
N GLN A 223 25.85 -11.28 -2.52
CA GLN A 223 25.72 -11.21 -3.98
C GLN A 223 24.49 -10.37 -4.32
N THR A 224 24.71 -9.28 -5.05
CA THR A 224 23.63 -8.46 -5.56
C THR A 224 23.83 -8.07 -7.01
N GLN A 225 24.86 -8.57 -7.68
CA GLN A 225 25.06 -8.28 -9.09
C GLN A 225 24.04 -9.00 -9.96
N ASP A 226 23.50 -10.12 -9.49
CA ASP A 226 22.61 -10.96 -10.29
C ASP A 226 21.38 -11.39 -9.51
N THR A 227 20.93 -10.58 -8.55
CA THR A 227 19.82 -10.93 -7.69
C THR A 227 18.58 -10.12 -8.08
N GLU A 228 17.55 -10.80 -8.55
CA GLU A 228 16.27 -10.18 -8.85
C GLU A 228 15.41 -10.15 -7.59
N LEU A 229 14.76 -9.02 -7.35
CA LEU A 229 14.00 -8.79 -6.13
C LEU A 229 12.65 -8.18 -6.51
N VAL A 230 11.56 -8.85 -6.12
CA VAL A 230 10.23 -8.33 -6.40
C VAL A 230 9.70 -7.53 -5.22
N GLU A 231 8.64 -6.77 -5.46
CA GLU A 231 7.99 -6.01 -4.41
C GLU A 231 7.30 -6.96 -3.43
N THR A 232 7.43 -6.66 -2.14
CA THR A 232 6.66 -7.36 -1.13
C THR A 232 5.17 -7.16 -1.41
N ARG A 233 4.46 -8.25 -1.62
CA ARG A 233 3.08 -8.15 -2.07
C ARG A 233 2.12 -8.75 -1.03
N PRO A 234 0.88 -8.27 -0.99
CA PRO A 234 -0.09 -8.84 -0.05
C PRO A 234 -0.64 -10.16 -0.54
N ALA A 235 -0.89 -11.07 0.40
CA ALA A 235 -1.52 -12.34 0.07
C ALA A 235 -3.04 -12.24 0.03
N GLY A 236 -3.61 -11.21 0.65
CA GLY A 236 -5.04 -11.03 0.72
C GLY A 236 -5.67 -11.49 2.01
N ASP A 237 -4.92 -12.17 2.88
CA ASP A 237 -5.45 -12.68 4.14
C ASP A 237 -4.80 -12.05 5.36
N GLY A 238 -4.06 -10.96 5.19
CA GLY A 238 -3.39 -10.30 6.30
C GLY A 238 -1.90 -10.55 6.39
N THR A 239 -1.34 -11.37 5.51
CA THR A 239 0.09 -11.65 5.47
C THR A 239 0.66 -11.16 4.15
N PHE A 240 1.94 -11.41 3.94
CA PHE A 240 2.65 -10.88 2.77
C PHE A 240 3.58 -11.94 2.20
N GLN A 241 4.03 -11.71 0.97
CA GLN A 241 4.92 -12.61 0.26
C GLN A 241 6.05 -11.83 -0.38
N LYS A 242 7.11 -12.55 -0.74
CA LYS A 242 8.29 -11.97 -1.37
C LYS A 242 9.22 -13.10 -1.80
N TRP A 243 9.91 -12.91 -2.92
CA TRP A 243 10.93 -13.84 -3.34
C TRP A 243 12.11 -13.09 -3.95
N ALA A 244 13.22 -13.81 -4.07
CA ALA A 244 14.45 -13.29 -4.66
C ALA A 244 15.09 -14.38 -5.50
N ALA A 245 15.54 -14.02 -6.70
CA ALA A 245 16.07 -14.98 -7.66
C ALA A 245 17.49 -14.59 -8.06
N VAL A 246 18.33 -15.61 -8.24
CA VAL A 246 19.70 -15.43 -8.69
C VAL A 246 19.99 -16.46 -9.78
N VAL A 247 20.79 -16.07 -10.76
CA VAL A 247 21.19 -16.96 -11.85
C VAL A 247 22.60 -17.45 -11.58
N VAL A 248 22.84 -18.72 -11.88
CA VAL A 248 24.07 -19.40 -11.47
C VAL A 248 24.56 -20.29 -12.62
N PRO A 249 25.84 -20.66 -12.58
CA PRO A 249 26.30 -21.70 -13.52
C PRO A 249 25.80 -23.06 -13.08
N SER A 250 25.28 -23.83 -14.03
CA SER A 250 24.80 -25.17 -13.72
C SER A 250 25.94 -26.03 -13.18
N GLY A 251 25.66 -26.83 -12.17
CA GLY A 251 26.67 -27.57 -11.46
C GLY A 251 27.33 -26.84 -10.32
N GLU A 252 26.93 -25.59 -10.05
CA GLU A 252 27.46 -24.80 -8.95
C GLU A 252 26.38 -24.38 -7.97
N GLU A 253 25.19 -24.99 -8.04
CA GLU A 253 24.07 -24.54 -7.22
C GLU A 253 24.30 -24.79 -5.73
N GLN A 254 25.12 -25.79 -5.40
CA GLN A 254 25.34 -26.14 -4.00
C GLN A 254 26.13 -25.07 -3.25
N ARG A 255 26.77 -24.14 -3.97
CA ARG A 255 27.61 -23.12 -3.37
C ARG A 255 26.86 -21.83 -3.06
N TYR A 256 25.53 -21.85 -3.16
CA TYR A 256 24.72 -20.65 -2.95
C TYR A 256 23.80 -20.85 -1.76
N THR A 257 23.70 -19.82 -0.92
CA THR A 257 22.87 -19.84 0.27
C THR A 257 21.96 -18.62 0.30
N CYS A 258 20.72 -18.81 0.75
CA CYS A 258 19.76 -17.72 0.91
C CYS A 258 19.59 -17.43 2.40
N HIS A 259 19.63 -16.15 2.75
CA HIS A 259 19.51 -15.71 4.14
C HIS A 259 18.25 -14.87 4.30
N VAL A 260 17.47 -15.16 5.33
CA VAL A 260 16.19 -14.51 5.57
C VAL A 260 16.26 -13.79 6.91
N GLN A 261 15.79 -12.54 6.94
CA GLN A 261 15.73 -11.73 8.14
C GLN A 261 14.30 -11.29 8.37
N HIS A 262 13.76 -11.57 9.56
CA HIS A 262 12.39 -11.20 9.86
C HIS A 262 12.22 -11.04 11.37
N GLU A 263 11.17 -10.29 11.73
CA GLU A 263 10.88 -10.04 13.14
C GLU A 263 10.57 -11.32 13.89
N GLY A 264 9.79 -12.21 13.28
CA GLY A 264 9.34 -13.43 13.93
C GLY A 264 10.35 -14.55 14.02
N LEU A 265 11.57 -14.35 13.53
CA LEU A 265 12.51 -15.45 13.61
C LEU A 265 13.40 -15.30 14.83
N PRO A 266 13.73 -16.41 15.52
CA PRO A 266 14.72 -16.33 16.59
C PRO A 266 16.07 -15.80 16.13
N GLU A 267 16.55 -16.27 14.99
CA GLU A 267 17.79 -15.78 14.40
C GLU A 267 17.74 -16.04 12.90
N PRO A 268 18.56 -15.34 12.10
CA PRO A 268 18.43 -15.42 10.64
C PRO A 268 18.54 -16.85 10.11
N LEU A 269 17.83 -17.09 9.01
CA LEU A 269 17.78 -18.38 8.34
C LEU A 269 18.93 -18.53 7.35
N THR A 270 19.17 -19.77 6.92
CA THR A 270 20.22 -20.07 5.95
C THR A 270 19.76 -21.29 5.16
N LEU A 271 19.40 -21.09 3.90
CA LEU A 271 18.78 -22.13 3.08
C LEU A 271 19.69 -22.54 1.93
N ARG A 272 19.46 -23.77 1.46
CA ARG A 272 20.10 -24.29 0.27
C ARG A 272 19.07 -25.10 -0.51
N TRP A 273 19.34 -25.30 -1.80
CA TRP A 273 18.44 -26.06 -2.66
C TRP A 273 18.33 -27.52 -2.19
N ALA B 1 3.12 17.61 -13.57
CA ALA B 1 2.30 16.40 -13.44
C ALA B 1 3.17 15.15 -13.52
N ILE B 2 2.85 14.17 -12.68
CA ILE B 2 3.55 12.90 -12.64
C ILE B 2 2.75 11.86 -13.41
N GLN B 3 3.46 10.98 -14.11
CA GLN B 3 2.85 9.93 -14.90
C GLN B 3 3.71 8.68 -14.79
N ARG B 4 3.21 7.65 -14.12
CA ARG B 4 3.97 6.42 -13.92
C ARG B 4 3.13 5.19 -14.24
N THR B 5 3.72 4.23 -14.96
CA THR B 5 3.06 2.99 -15.34
C THR B 5 3.05 2.01 -14.16
N PRO B 6 2.07 1.12 -14.09
CA PRO B 6 1.98 0.22 -12.94
C PRO B 6 2.83 -1.03 -13.10
N LYS B 7 3.17 -1.61 -11.95
CA LYS B 7 3.85 -2.89 -11.88
C LYS B 7 2.81 -3.98 -11.62
N ILE B 8 2.91 -5.08 -12.37
CA ILE B 8 1.87 -6.10 -12.36
C ILE B 8 2.48 -7.42 -11.92
N GLN B 9 1.94 -8.00 -10.84
CA GLN B 9 2.26 -9.34 -10.40
C GLN B 9 0.99 -10.18 -10.36
N VAL B 10 1.06 -11.39 -10.91
CA VAL B 10 -0.03 -12.36 -10.86
C VAL B 10 0.45 -13.57 -10.07
N TYR B 11 -0.36 -14.01 -9.11
CA TYR B 11 0.02 -15.07 -8.19
C TYR B 11 -1.23 -15.55 -7.48
N SER B 12 -1.05 -16.48 -6.54
CA SER B 12 -2.14 -17.03 -5.75
C SER B 12 -1.85 -16.87 -4.27
N ARG B 13 -2.92 -16.88 -3.46
CA ARG B 13 -2.79 -16.70 -2.02
C ARG B 13 -1.93 -17.80 -1.40
N HIS B 14 -2.30 -19.05 -1.62
CA HIS B 14 -1.54 -20.20 -1.18
C HIS B 14 -0.89 -20.89 -2.37
N PRO B 15 0.10 -21.75 -2.14
CA PRO B 15 0.67 -22.54 -3.24
C PRO B 15 -0.43 -23.23 -4.05
N ALA B 16 -0.34 -23.10 -5.37
CA ALA B 16 -1.39 -23.56 -6.26
C ALA B 16 -1.35 -25.09 -6.35
N GLU B 17 -2.42 -25.73 -5.86
CA GLU B 17 -2.58 -27.17 -6.00
C GLU B 17 -3.88 -27.45 -6.75
N ASN B 18 -3.83 -28.49 -7.58
CA ASN B 18 -4.96 -28.80 -8.46
C ASN B 18 -6.13 -29.36 -7.66
N GLY B 19 -7.33 -28.90 -8.00
CA GLY B 19 -8.55 -29.36 -7.36
C GLY B 19 -8.81 -28.78 -5.99
N LYS B 20 -7.95 -27.89 -5.50
CA LYS B 20 -8.12 -27.27 -4.20
C LYS B 20 -8.44 -25.78 -4.36
N SER B 21 -9.26 -25.27 -3.45
N SER B 21 -9.26 -25.27 -3.45
CA SER B 21 -9.69 -23.88 -3.53
CA SER B 21 -9.69 -23.88 -3.51
C SER B 21 -8.54 -22.94 -3.16
C SER B 21 -8.54 -22.94 -3.16
N ASN B 22 -8.53 -21.78 -3.80
CA ASN B 22 -7.47 -20.79 -3.60
C ASN B 22 -8.03 -19.41 -3.93
N PHE B 23 -7.14 -18.42 -4.02
CA PHE B 23 -7.48 -17.08 -4.44
C PHE B 23 -6.48 -16.60 -5.48
N LEU B 24 -6.98 -15.98 -6.55
CA LEU B 24 -6.15 -15.46 -7.61
C LEU B 24 -6.01 -13.95 -7.44
N ASN B 25 -4.76 -13.47 -7.36
CA ASN B 25 -4.47 -12.08 -7.09
C ASN B 25 -3.84 -11.41 -8.31
N CYS B 26 -4.20 -10.14 -8.52
CA CYS B 26 -3.46 -9.25 -9.41
C CYS B 26 -3.16 -7.97 -8.64
N TYR B 27 -1.87 -7.71 -8.43
CA TYR B 27 -1.41 -6.60 -7.60
C TYR B 27 -0.73 -5.57 -8.49
N VAL B 28 -1.32 -4.38 -8.57
CA VAL B 28 -0.79 -3.28 -9.38
C VAL B 28 -0.25 -2.22 -8.42
N SER B 29 1.00 -1.81 -8.63
CA SER B 29 1.68 -0.91 -7.72
C SER B 29 2.51 0.11 -8.48
N GLY B 30 2.81 1.21 -7.81
CA GLY B 30 3.71 2.22 -8.32
C GLY B 30 3.23 3.01 -9.51
N PHE B 31 1.94 3.34 -9.57
CA PHE B 31 1.37 4.05 -10.70
C PHE B 31 0.78 5.40 -10.25
N HIS B 32 0.75 6.34 -11.19
CA HIS B 32 0.24 7.69 -10.99
C HIS B 32 -0.20 8.25 -12.34
N PRO B 33 -1.42 8.80 -12.45
CA PRO B 33 -2.43 8.99 -11.39
C PRO B 33 -3.17 7.70 -11.05
N SER B 34 -4.26 7.80 -10.30
CA SER B 34 -4.86 6.63 -9.67
C SER B 34 -5.89 5.90 -10.52
N ASP B 35 -6.47 6.56 -11.52
CA ASP B 35 -7.47 5.90 -12.36
C ASP B 35 -6.83 4.76 -13.15
N ILE B 36 -7.36 3.56 -12.99
CA ILE B 36 -6.79 2.36 -13.61
C ILE B 36 -7.91 1.35 -13.80
N GLU B 37 -7.76 0.50 -14.83
CA GLU B 37 -8.71 -0.55 -15.14
C GLU B 37 -8.00 -1.90 -15.08
N VAL B 38 -8.52 -2.81 -14.25
CA VAL B 38 -7.92 -4.13 -14.05
C VAL B 38 -9.00 -5.19 -14.16
N ASP B 39 -8.72 -6.25 -14.90
CA ASP B 39 -9.64 -7.37 -15.07
C ASP B 39 -8.86 -8.68 -14.94
N LEU B 40 -9.58 -9.73 -14.54
CA LEU B 40 -9.02 -11.06 -14.41
C LEU B 40 -9.68 -11.98 -15.43
N LEU B 41 -8.87 -12.76 -16.15
CA LEU B 41 -9.35 -13.61 -17.22
C LEU B 41 -9.20 -15.09 -16.88
N LYS B 42 -10.16 -15.87 -17.34
CA LYS B 42 -10.12 -17.34 -17.27
C LYS B 42 -10.29 -17.87 -18.68
N ASN B 43 -9.21 -18.46 -19.22
CA ASN B 43 -9.20 -18.96 -20.60
C ASN B 43 -9.55 -17.86 -21.60
N GLY B 44 -9.11 -16.64 -21.30
CA GLY B 44 -9.25 -15.53 -22.21
C GLY B 44 -10.50 -14.68 -22.08
N GLU B 45 -11.29 -14.89 -21.02
CA GLU B 45 -12.55 -14.17 -20.87
C GLU B 45 -12.65 -13.53 -19.50
N ARG B 46 -13.37 -12.41 -19.45
CA ARG B 46 -13.52 -11.64 -18.21
C ARG B 46 -14.16 -12.48 -17.11
N ILE B 47 -13.67 -12.29 -15.89
CA ILE B 47 -14.25 -12.90 -14.70
C ILE B 47 -15.10 -11.85 -14.00
N GLU B 48 -16.35 -12.18 -13.71
CA GLU B 48 -17.23 -11.27 -13.00
C GLU B 48 -17.08 -11.45 -11.49
N LYS B 49 -17.67 -10.50 -10.75
CA LYS B 49 -17.62 -10.49 -9.28
C LYS B 49 -16.18 -10.46 -8.77
N VAL B 50 -15.38 -9.57 -9.35
CA VAL B 50 -14.00 -9.36 -8.94
C VAL B 50 -13.97 -8.21 -7.94
N GLU B 51 -13.62 -8.51 -6.70
CA GLU B 51 -13.44 -7.47 -5.70
C GLU B 51 -12.00 -6.95 -5.75
N HIS B 52 -11.82 -5.75 -5.19
CA HIS B 52 -10.51 -5.13 -5.12
C HIS B 52 -10.34 -4.44 -3.77
N SER B 53 -9.11 -4.03 -3.49
CA SER B 53 -8.78 -3.39 -2.24
C SER B 53 -9.07 -1.88 -2.31
N ASP B 54 -8.96 -1.23 -1.15
CA ASP B 54 -9.17 0.20 -1.07
C ASP B 54 -7.89 0.93 -1.46
N LEU B 55 -8.07 2.10 -2.08
CA LEU B 55 -6.94 2.87 -2.60
C LEU B 55 -5.98 3.25 -1.49
N SER B 56 -4.68 3.21 -1.80
CA SER B 56 -3.62 3.60 -0.89
C SER B 56 -2.38 3.89 -1.72
N PHE B 57 -1.40 4.53 -1.08
CA PHE B 57 -0.17 4.91 -1.77
C PHE B 57 1.02 4.67 -0.86
N SER B 58 2.21 4.80 -1.44
CA SER B 58 3.47 4.53 -0.76
C SER B 58 4.13 5.84 -0.35
N LYS B 59 5.36 5.74 0.17
CA LYS B 59 6.06 6.91 0.66
C LYS B 59 6.50 7.85 -0.47
N ASP B 60 6.63 7.34 -1.70
CA ASP B 60 6.90 8.18 -2.86
C ASP B 60 5.63 8.60 -3.58
N TRP B 61 4.47 8.47 -2.93
CA TRP B 61 3.17 8.92 -3.39
C TRP B 61 2.61 8.10 -4.56
N SER B 62 3.16 6.92 -4.83
CA SER B 62 2.64 6.06 -5.89
C SER B 62 1.63 5.09 -5.31
N PHE B 63 0.56 4.83 -6.07
CA PHE B 63 -0.58 4.07 -5.59
C PHE B 63 -0.37 2.56 -5.75
N TYR B 64 -1.23 1.78 -5.09
CA TYR B 64 -1.23 0.33 -5.24
C TYR B 64 -2.63 -0.21 -4.94
N LEU B 65 -2.96 -1.31 -5.60
CA LEU B 65 -4.26 -1.97 -5.43
C LEU B 65 -4.08 -3.47 -5.59
N LEU B 66 -5.04 -4.22 -5.04
CA LEU B 66 -5.04 -5.67 -5.17
C LEU B 66 -6.41 -6.13 -5.67
N TYR B 67 -6.42 -6.87 -6.77
CA TYR B 67 -7.63 -7.44 -7.35
C TYR B 67 -7.60 -8.95 -7.15
N TYR B 68 -8.68 -9.50 -6.60
CA TYR B 68 -8.69 -10.90 -6.19
C TYR B 68 -10.05 -11.52 -6.44
N THR B 69 -10.03 -12.84 -6.68
CA THR B 69 -11.25 -13.62 -6.85
C THR B 69 -10.96 -15.06 -6.42
N GLU B 70 -11.98 -15.71 -5.88
CA GLU B 70 -11.86 -17.10 -5.49
C GLU B 70 -11.86 -18.01 -6.72
N PHE B 71 -11.04 -19.06 -6.66
CA PHE B 71 -10.96 -19.99 -7.79
C PHE B 71 -10.30 -21.28 -7.33
N THR B 72 -10.56 -22.35 -8.08
CA THR B 72 -9.95 -23.66 -7.84
C THR B 72 -9.14 -24.05 -9.07
N PRO B 73 -7.81 -24.00 -9.02
CA PRO B 73 -7.01 -24.22 -10.23
C PRO B 73 -7.06 -25.66 -10.71
N THR B 74 -6.74 -25.82 -12.01
CA THR B 74 -6.72 -27.12 -12.67
C THR B 74 -5.47 -27.20 -13.53
N GLU B 75 -5.33 -28.30 -14.27
CA GLU B 75 -4.16 -28.49 -15.12
C GLU B 75 -4.22 -27.60 -16.36
N LYS B 76 -5.40 -27.47 -16.96
CA LYS B 76 -5.51 -26.91 -18.30
C LYS B 76 -6.01 -25.47 -18.34
N ASP B 77 -6.69 -25.00 -17.29
CA ASP B 77 -7.25 -23.66 -17.32
C ASP B 77 -6.16 -22.60 -17.22
N GLU B 78 -6.22 -21.59 -18.08
CA GLU B 78 -5.25 -20.50 -18.09
C GLU B 78 -5.87 -19.25 -17.48
N TYR B 79 -5.02 -18.43 -16.87
CA TYR B 79 -5.45 -17.21 -16.20
C TYR B 79 -4.48 -16.08 -16.52
N ALA B 80 -5.02 -14.87 -16.60
CA ALA B 80 -4.22 -13.69 -16.92
C ALA B 80 -4.82 -12.47 -16.25
N CYS B 81 -4.07 -11.37 -16.27
CA CYS B 81 -4.51 -10.09 -15.72
C CYS B 81 -4.39 -9.03 -16.80
N ARG B 82 -5.44 -8.21 -16.92
CA ARG B 82 -5.55 -7.21 -17.99
C ARG B 82 -5.63 -5.84 -17.34
N VAL B 83 -4.62 -5.00 -17.58
CA VAL B 83 -4.50 -3.70 -16.95
C VAL B 83 -4.50 -2.62 -18.02
N ASN B 84 -5.17 -1.51 -17.73
CA ASN B 84 -5.20 -0.36 -18.63
C ASN B 84 -4.98 0.91 -17.81
N HIS B 85 -3.95 1.68 -18.17
CA HIS B 85 -3.63 2.93 -17.51
C HIS B 85 -3.43 4.01 -18.57
N VAL B 86 -3.37 5.27 -18.13
CA VAL B 86 -3.17 6.36 -19.07
C VAL B 86 -1.81 6.28 -19.74
N THR B 87 -0.85 5.63 -19.09
CA THR B 87 0.48 5.46 -19.65
C THR B 87 0.57 4.34 -20.68
N LEU B 88 -0.47 3.51 -20.80
CA LEU B 88 -0.45 2.37 -21.71
C LEU B 88 -1.20 2.70 -22.98
N SER B 89 -0.56 2.43 -24.13
CA SER B 89 -1.21 2.66 -25.41
C SER B 89 -2.27 1.60 -25.70
N GLN B 90 -2.11 0.41 -25.13
CA GLN B 90 -3.07 -0.68 -25.27
C GLN B 90 -2.97 -1.57 -24.05
N PRO B 91 -4.03 -2.30 -23.70
CA PRO B 91 -4.01 -3.10 -22.48
C PRO B 91 -2.83 -4.07 -22.43
N LYS B 92 -2.25 -4.21 -21.24
CA LYS B 92 -1.15 -5.14 -21.00
C LYS B 92 -1.71 -6.42 -20.40
N ILE B 93 -1.26 -7.56 -20.92
CA ILE B 93 -1.74 -8.87 -20.50
C ILE B 93 -0.56 -9.64 -19.91
N VAL B 94 -0.65 -9.94 -18.62
CA VAL B 94 0.37 -10.71 -17.91
C VAL B 94 -0.25 -12.06 -17.54
N LYS B 95 0.33 -13.14 -18.06
CA LYS B 95 -0.17 -14.47 -17.80
C LYS B 95 0.22 -14.92 -16.38
N TRP B 96 -0.57 -15.85 -15.84
CA TRP B 96 -0.29 -16.40 -14.52
C TRP B 96 0.74 -17.52 -14.66
N ASP B 97 1.89 -17.35 -14.00
CA ASP B 97 2.91 -18.38 -13.91
C ASP B 97 2.91 -18.91 -12.48
N ARG B 98 2.81 -20.24 -12.33
CA ARG B 98 2.73 -20.88 -11.03
C ARG B 98 3.98 -20.69 -10.18
N ASP B 99 5.04 -20.07 -10.70
CA ASP B 99 6.32 -19.97 -9.99
C ASP B 99 6.82 -18.53 -9.99
N MET B 100 5.91 -17.57 -9.88
CA MET B 100 6.29 -16.16 -9.71
C MET B 100 5.44 -15.50 -8.63
N LEU C 1 -8.54 6.72 14.85
CA LEU C 1 -9.35 7.92 15.00
C LEU C 1 -8.92 9.01 14.03
N TYR C 2 -9.82 9.42 13.15
CA TYR C 2 -9.51 10.36 12.09
C TYR C 2 -9.41 11.78 12.64
N ASN C 3 -8.83 12.67 11.82
CA ASN C 3 -8.67 14.07 12.17
C ASN C 3 -8.70 14.90 10.89
N THR C 4 -9.54 15.93 10.87
CA THR C 4 -9.66 16.84 9.74
C THR C 4 -9.01 18.18 10.08
N VAL C 5 -8.23 18.69 9.12
CA VAL C 5 -7.46 19.91 9.34
C VAL C 5 -8.01 21.03 8.46
N ALA C 6 -7.18 22.04 8.22
CA ALA C 6 -7.61 23.24 7.52
C ALA C 6 -7.26 23.16 6.03
N THR C 7 -7.66 24.19 5.29
CA THR C 7 -7.47 24.24 3.85
C THR C 7 -6.06 24.71 3.51
N LEU C 8 -5.53 24.19 2.40
CA LEU C 8 -4.21 24.58 1.91
C LEU C 8 -4.26 25.94 1.22
#